data_8P1X
#
_entry.id   8P1X
#
_cell.length_a   58.650
_cell.length_b   88.730
_cell.length_c   98.050
_cell.angle_alpha   90.000
_cell.angle_beta   90.000
_cell.angle_gamma   90.000
#
_symmetry.space_group_name_H-M   'P 21 21 21'
#
loop_
_entity.id
_entity.type
_entity.pdbx_description
1 polymer TarM(Se)
2 non-polymer 'CHLORIDE ION'
3 non-polymer 'PHOSPHATE ION'
4 non-polymer "URIDINE-5'-DIPHOSPHATE-GLUCOSE"
5 non-polymer 1,2-ETHANEDIOL
6 non-polymer 'TETRAETHYLENE GLYCOL'
7 non-polymer 'TRIETHYLENE GLYCOL'
8 water water
#
_entity_poly.entity_id   1
_entity_poly.type   'polypeptide(L)'
_entity_poly.pdbx_seq_one_letter_code
;MHHHHHHSGENLYFQSMKQTYMIVNELDVNKGGMTTAMLTRSKFFLDNEISGDIITFDFKANYKDILKELVQSKKMDKRT
QMHNPFIYFKNISNLQHKKYNYTMTRNLSNLLKDSVEIKENSRISRFFNIMSREYLAYKRETEQETIFDLFKNNLRYKRI
YFYKGKIVKTEVFNSDNNLIAEQFYDDNGYLYLYRQINPEKKSIGKTYLVCKEKQFKNNVEFCSYFLDKLIPDINDNIII
CDGPGSFPKILKTNHKNVKKFAVIHVNHYKNFDDTGAVKKQEDYILRNANKINGVVMLTEAQKKDIIEKYKITNAYVISN
FINITDDYRDKNDNKVVGHISRLVPQKGLPYLIDVAKKVVEQDNSVEFHLYGTGEEKSKIENLIQESNLTNNVKLLGYTT
NAIEKIKDFRCVISTSQFEGQGLSLIEAMLLKKPVVAFDVKYGPSDFVKDGKNGYLIENKDIKKMANKILKLLHDKELSK
SLGKHGRDTIIDMYQPEKLMVKWKQLFN
;
_entity_poly.pdbx_strand_id   AAA
#
# COMPACT_ATOMS: atom_id res chain seq x y z
N MET A 17 4.76 24.39 -14.78
CA MET A 17 5.64 24.96 -13.72
C MET A 17 5.25 24.37 -12.35
N LYS A 18 4.08 23.72 -12.26
CA LYS A 18 3.61 23.09 -11.00
C LYS A 18 4.25 21.70 -10.87
N GLN A 19 4.87 21.43 -9.73
CA GLN A 19 5.45 20.10 -9.40
C GLN A 19 4.75 19.56 -8.16
N THR A 20 4.25 18.32 -8.22
CA THR A 20 3.55 17.67 -7.08
C THR A 20 4.41 16.53 -6.55
N TYR A 21 4.36 16.34 -5.24
CA TYR A 21 5.06 15.25 -4.52
C TYR A 21 4.02 14.51 -3.68
N MET A 22 3.71 13.28 -4.06
CA MET A 22 2.63 12.49 -3.42
C MET A 22 3.28 11.55 -2.41
N ILE A 23 2.90 11.67 -1.14
CA ILE A 23 3.67 11.08 -0.02
C ILE A 23 2.94 9.85 0.54
N VAL A 24 3.65 8.74 0.60
CA VAL A 24 3.20 7.47 1.26
C VAL A 24 4.45 6.81 1.85
N ASN A 25 4.30 6.04 2.93
CA ASN A 25 5.47 5.47 3.64
C ASN A 25 6.27 4.56 2.70
N GLU A 26 5.59 3.78 1.86
CA GLU A 26 6.25 2.76 1.01
C GLU A 26 5.44 2.49 -0.25
N LEU A 27 6.10 1.93 -1.26
CA LEU A 27 5.47 1.43 -2.50
C LEU A 27 5.84 -0.05 -2.65
N ASP A 28 4.88 -0.89 -3.04
CA ASP A 28 5.16 -2.30 -3.39
C ASP A 28 4.18 -2.76 -4.48
N VAL A 29 4.40 -3.96 -4.98
CA VAL A 29 3.67 -4.55 -6.14
C VAL A 29 2.40 -5.26 -5.65
N ASN A 30 2.19 -5.37 -4.34
CA ASN A 30 1.06 -6.16 -3.77
C ASN A 30 0.15 -5.24 -2.94
N LYS A 31 -0.14 -4.03 -3.41
CA LYS A 31 -0.83 -3.03 -2.57
C LYS A 31 -2.26 -2.77 -3.07
N GLY A 32 -3.01 -1.97 -2.32
CA GLY A 32 -4.47 -1.77 -2.52
C GLY A 32 -4.78 -0.43 -3.18
N GLY A 33 -5.90 0.17 -2.78
CA GLY A 33 -6.49 1.35 -3.43
C GLY A 33 -5.62 2.59 -3.36
N MET A 34 -4.96 2.85 -2.22
CA MET A 34 -4.22 4.12 -2.04
C MET A 34 -3.11 4.21 -3.09
N THR A 35 -2.31 3.15 -3.25
CA THR A 35 -1.18 3.14 -4.22
C THR A 35 -1.75 3.27 -5.63
N THR A 36 -2.83 2.57 -5.94
CA THR A 36 -3.51 2.65 -7.27
C THR A 36 -3.91 4.11 -7.50
N ALA A 37 -4.60 4.74 -6.54
CA ALA A 37 -5.10 6.13 -6.65
C ALA A 37 -3.94 7.08 -6.96
N MET A 38 -2.85 6.99 -6.20
CA MET A 38 -1.67 7.88 -6.33
C MET A 38 -1.05 7.74 -7.72
N LEU A 39 -0.81 6.51 -8.16
CA LEU A 39 -0.12 6.24 -9.46
C LEU A 39 -1.00 6.73 -10.60
N THR A 40 -2.33 6.54 -10.51
CA THR A 40 -3.30 7.04 -11.52
C THR A 40 -3.26 8.57 -11.54
N ARG A 41 -3.27 9.21 -10.38
CA ARG A 41 -3.27 10.69 -10.25
C ARG A 41 -2.00 11.25 -10.91
N SER A 42 -0.85 10.61 -10.67
CA SER A 42 0.45 11.02 -11.28
C SER A 42 0.31 11.03 -12.80
N LYS A 43 -0.25 9.96 -13.37
CA LYS A 43 -0.38 9.79 -14.84
C LYS A 43 -1.23 10.94 -15.39
N PHE A 44 -2.38 11.24 -14.77
CA PHE A 44 -3.30 12.29 -15.27
C PHE A 44 -2.64 13.66 -15.11
N PHE A 45 -1.94 13.91 -14.00
CA PHE A 45 -1.23 15.19 -13.77
C PHE A 45 -0.20 15.39 -14.89
N LEU A 46 0.57 14.35 -15.19
CA LEU A 46 1.66 14.37 -16.20
C LEU A 46 1.06 14.63 -17.59
N ASP A 47 -0.12 14.09 -17.89
CA ASP A 47 -0.84 14.36 -19.16
C ASP A 47 -1.29 15.82 -19.20
N ASN A 48 -1.36 16.48 -18.04
CA ASN A 48 -1.80 17.90 -17.94
C ASN A 48 -0.59 18.78 -17.57
N GLU A 49 0.62 18.34 -17.92
CA GLU A 49 1.89 19.10 -17.80
C GLU A 49 2.17 19.45 -16.33
N ILE A 50 1.70 18.63 -15.38
CA ILE A 50 2.02 18.79 -13.94
C ILE A 50 2.79 17.54 -13.52
N SER A 51 4.04 17.69 -13.08
CA SER A 51 4.86 16.55 -12.61
C SER A 51 4.18 15.95 -11.37
N GLY A 52 4.05 14.62 -11.33
CA GLY A 52 3.50 13.91 -10.16
C GLY A 52 4.49 12.88 -9.70
N ASP A 53 5.34 13.23 -8.73
CA ASP A 53 6.38 12.31 -8.21
C ASP A 53 5.86 11.70 -6.90
N ILE A 54 6.32 10.49 -6.60
CA ILE A 54 5.98 9.80 -5.32
C ILE A 54 7.17 9.96 -4.39
N ILE A 55 6.92 10.17 -3.09
CA ILE A 55 7.99 10.10 -2.06
C ILE A 55 7.62 8.99 -1.07
N THR A 56 8.57 8.09 -0.83
CA THR A 56 8.51 7.02 0.18
C THR A 56 9.62 7.24 1.21
N PHE A 57 9.55 6.53 2.33
CA PHE A 57 10.49 6.77 3.47
C PHE A 57 11.18 5.48 3.91
N ASP A 58 10.78 4.33 3.38
CA ASP A 58 11.27 3.02 3.88
C ASP A 58 12.49 2.59 3.06
N PHE A 59 13.27 1.67 3.60
CA PHE A 59 14.44 1.10 2.91
C PHE A 59 14.03 -0.20 2.21
N LYS A 60 14.25 -0.24 0.89
CA LYS A 60 14.14 -1.47 0.07
C LYS A 60 15.35 -1.49 -0.85
N ALA A 61 16.25 -2.46 -0.67
CA ALA A 61 17.46 -2.65 -1.50
C ALA A 61 17.06 -2.85 -2.97
N ASN A 62 15.87 -3.40 -3.22
CA ASN A 62 15.40 -3.83 -4.56
C ASN A 62 14.34 -2.86 -5.10
N TYR A 63 14.33 -1.60 -4.65
CA TYR A 63 13.30 -0.62 -5.04
C TYR A 63 13.29 -0.44 -6.56
N LYS A 64 14.46 -0.54 -7.21
CA LYS A 64 14.59 -0.45 -8.68
C LYS A 64 13.68 -1.51 -9.32
N ASP A 65 13.71 -2.74 -8.82
CA ASP A 65 12.94 -3.88 -9.38
C ASP A 65 11.44 -3.65 -9.16
N ILE A 66 11.03 -3.14 -8.00
CA ILE A 66 9.60 -2.88 -7.69
C ILE A 66 9.08 -1.84 -8.68
N LEU A 67 9.84 -0.76 -8.90
CA LEU A 67 9.42 0.36 -9.78
C LEU A 67 9.33 -0.15 -11.22
N LYS A 68 10.30 -0.96 -11.66
CA LYS A 68 10.29 -1.56 -13.02
C LYS A 68 9.01 -2.39 -13.19
N GLU A 69 8.69 -3.24 -12.23
CA GLU A 69 7.50 -4.12 -12.33
C GLU A 69 6.25 -3.25 -12.39
N LEU A 70 6.16 -2.22 -11.56
CA LEU A 70 4.98 -1.32 -11.51
C LEU A 70 4.80 -0.62 -12.87
N VAL A 71 5.89 -0.18 -13.51
CA VAL A 71 5.85 0.46 -14.86
C VAL A 71 5.48 -0.60 -15.91
N GLN A 72 6.17 -1.75 -15.94
CA GLN A 72 5.97 -2.77 -17.00
C GLN A 72 4.58 -3.41 -16.86
N SER A 73 4.01 -3.42 -15.66
CA SER A 73 2.64 -3.94 -15.38
C SER A 73 1.58 -2.88 -15.71
N LYS A 74 2.02 -1.69 -16.13
CA LYS A 74 1.18 -0.55 -16.58
C LYS A 74 0.44 0.08 -15.40
N LYS A 75 0.82 -0.24 -14.15
CA LYS A 75 0.25 0.40 -12.95
C LYS A 75 0.85 1.81 -12.80
N MET A 76 2.12 1.99 -13.17
CA MET A 76 2.87 3.25 -12.93
C MET A 76 3.36 3.84 -14.26
N ASP A 77 3.17 5.14 -14.44
CA ASP A 77 3.69 5.90 -15.62
C ASP A 77 5.22 5.94 -15.55
N LYS A 78 5.87 5.78 -16.70
CA LYS A 78 7.36 5.79 -16.82
C LYS A 78 7.89 7.14 -16.36
N ARG A 79 7.11 8.21 -16.46
CA ARG A 79 7.55 9.59 -16.10
C ARG A 79 7.40 9.83 -14.60
N THR A 80 6.67 8.96 -13.87
CA THR A 80 6.47 9.10 -12.42
C THR A 80 7.76 8.65 -11.72
N GLN A 81 8.49 9.59 -11.12
CA GLN A 81 9.73 9.32 -10.34
C GLN A 81 9.34 9.00 -8.89
N MET A 82 10.13 8.17 -8.22
CA MET A 82 9.96 7.94 -6.76
C MET A 82 11.22 8.43 -6.05
N HIS A 83 11.06 9.37 -5.14
CA HIS A 83 12.16 9.88 -4.29
C HIS A 83 12.07 9.16 -2.95
N ASN A 84 13.19 8.98 -2.27
CA ASN A 84 13.29 8.16 -1.05
C ASN A 84 14.60 8.53 -0.36
N PRO A 85 14.60 8.68 0.98
CA PRO A 85 15.78 9.19 1.70
C PRO A 85 17.01 8.30 1.57
N PHE A 86 16.83 6.98 1.60
CA PHE A 86 17.93 5.99 1.47
C PHE A 86 18.58 6.15 0.10
N ILE A 87 17.78 6.27 -0.96
CA ILE A 87 18.27 6.45 -2.36
C ILE A 87 19.01 7.79 -2.46
N TYR A 88 18.38 8.87 -1.98
CA TYR A 88 18.90 10.26 -2.09
C TYR A 88 20.25 10.38 -1.37
N PHE A 89 20.31 9.99 -0.09
CA PHE A 89 21.54 10.15 0.73
C PHE A 89 22.63 9.18 0.24
N LYS A 90 22.27 8.02 -0.33
CA LYS A 90 23.25 7.05 -0.88
C LYS A 90 23.94 7.65 -2.10
N ASN A 91 23.17 8.29 -2.98
CA ASN A 91 23.72 8.88 -4.24
C ASN A 91 24.70 9.98 -3.85
N ILE A 92 24.38 10.78 -2.82
CA ILE A 92 25.28 11.87 -2.32
C ILE A 92 26.54 11.24 -1.72
N SER A 93 26.39 10.22 -0.86
CA SER A 93 27.53 9.53 -0.23
C SER A 93 28.44 8.93 -1.31
N ASN A 94 27.86 8.36 -2.36
CA ASN A 94 28.63 7.71 -3.45
C ASN A 94 29.63 8.70 -4.07
N LEU A 95 29.31 9.99 -4.08
CA LEU A 95 30.20 11.03 -4.68
C LEU A 95 31.50 11.15 -3.88
N GLN A 96 31.51 10.72 -2.61
CA GLN A 96 32.61 11.03 -1.66
C GLN A 96 33.81 10.12 -1.90
N HIS A 97 33.67 9.04 -2.68
CA HIS A 97 34.78 8.09 -2.89
C HIS A 97 34.80 7.60 -4.32
N LYS A 98 35.95 7.06 -4.74
CA LYS A 98 36.19 6.65 -6.14
C LYS A 98 36.18 5.12 -6.24
N LYS A 99 36.84 4.44 -5.29
CA LYS A 99 37.00 2.98 -5.34
C LYS A 99 36.15 2.33 -4.24
N TYR A 100 35.80 1.07 -4.44
CA TYR A 100 35.04 0.27 -3.45
C TYR A 100 35.95 -0.04 -2.27
N ASN A 101 35.44 0.15 -1.07
CA ASN A 101 36.17 -0.16 0.18
C ASN A 101 35.66 -1.52 0.69
N TYR A 102 36.55 -2.51 0.79
CA TYR A 102 36.18 -3.91 1.13
C TYR A 102 36.40 -4.18 2.62
N THR A 103 36.51 -3.15 3.47
CA THR A 103 36.82 -3.32 4.92
C THR A 103 35.78 -4.24 5.58
N MET A 104 34.48 -4.01 5.34
CA MET A 104 33.39 -4.77 5.99
C MET A 104 33.51 -6.26 5.64
N THR A 105 33.64 -6.62 4.35
CA THR A 105 33.68 -8.03 3.91
C THR A 105 34.96 -8.67 4.44
N ARG A 106 36.08 -7.93 4.48
CA ARG A 106 37.35 -8.45 5.05
C ARG A 106 37.13 -8.73 6.55
N ASN A 107 36.44 -7.84 7.26
CA ASN A 107 36.16 -8.02 8.71
C ASN A 107 35.41 -9.35 8.90
N LEU A 108 34.44 -9.64 8.03
CA LEU A 108 33.61 -10.87 8.13
C LEU A 108 34.50 -12.08 7.82
N SER A 109 35.26 -12.02 6.73
CA SER A 109 36.17 -13.11 6.29
C SER A 109 37.17 -13.41 7.40
N ASN A 110 37.70 -12.37 8.06
CA ASN A 110 38.68 -12.51 9.17
C ASN A 110 38.00 -13.18 10.38
N LEU A 111 36.74 -12.83 10.67
CA LEU A 111 35.99 -13.42 11.82
C LEU A 111 35.85 -14.92 11.61
N LEU A 112 35.64 -15.36 10.37
CA LEU A 112 35.32 -16.77 10.05
C LEU A 112 36.57 -17.51 9.56
N LYS A 113 37.75 -16.89 9.62
CA LYS A 113 38.98 -17.45 8.99
C LYS A 113 39.30 -18.82 9.59
N ASP A 114 39.30 -18.92 10.93
CA ASP A 114 39.59 -20.17 11.67
C ASP A 114 38.44 -21.17 11.45
N SER A 115 37.22 -20.66 11.24
CA SER A 115 35.97 -21.45 11.28
C SER A 115 35.85 -22.39 10.08
N VAL A 116 35.32 -23.59 10.32
CA VAL A 116 35.01 -24.61 9.28
C VAL A 116 33.55 -24.43 8.86
N GLU A 117 33.27 -24.51 7.56
CA GLU A 117 31.89 -24.37 7.02
C GLU A 117 31.25 -25.75 6.88
N ILE A 118 30.03 -25.93 7.40
CA ILE A 118 29.26 -27.20 7.31
C ILE A 118 27.87 -26.89 6.73
N LYS A 119 27.49 -27.56 5.64
CA LYS A 119 26.18 -27.39 4.98
C LYS A 119 25.08 -28.04 5.84
N GLU A 120 24.05 -27.28 6.20
CA GLU A 120 22.87 -27.80 6.96
C GLU A 120 21.76 -28.13 5.96
N ASN A 121 21.48 -27.21 5.03
CA ASN A 121 20.42 -27.36 4.00
C ASN A 121 20.99 -27.07 2.61
N SER A 122 20.10 -26.92 1.64
CA SER A 122 20.40 -26.48 0.25
C SER A 122 21.04 -25.09 0.27
N ARG A 123 20.56 -24.18 1.10
CA ARG A 123 20.95 -22.75 1.06
C ARG A 123 21.65 -22.32 2.33
N ILE A 124 21.62 -23.16 3.37
CA ILE A 124 22.08 -22.75 4.74
C ILE A 124 23.38 -23.51 5.08
N SER A 125 24.34 -22.79 5.63
CA SER A 125 25.64 -23.34 6.12
C SER A 125 25.95 -22.73 7.49
N ARG A 126 26.72 -23.43 8.30
CA ARG A 126 27.13 -22.96 9.64
C ARG A 126 28.65 -22.88 9.70
N PHE A 127 29.18 -21.93 10.47
CA PHE A 127 30.64 -21.75 10.64
C PHE A 127 30.98 -22.08 12.09
N PHE A 128 31.89 -23.03 12.27
CA PHE A 128 32.31 -23.52 13.61
C PHE A 128 33.81 -23.30 13.78
N ASN A 129 34.21 -22.56 14.82
CA ASN A 129 35.64 -22.39 15.16
C ASN A 129 36.08 -23.62 15.95
N ILE A 130 36.88 -24.48 15.33
CA ILE A 130 37.38 -25.75 15.96
C ILE A 130 38.17 -25.38 17.23
N MET A 131 38.94 -24.28 17.16
CA MET A 131 39.82 -23.83 18.27
C MET A 131 38.96 -23.36 19.45
N SER A 132 38.10 -22.35 19.23
CA SER A 132 37.26 -21.73 20.29
C SER A 132 36.14 -22.68 20.74
N ARG A 133 35.85 -23.72 19.95
CA ARG A 133 34.76 -24.71 20.21
C ARG A 133 33.40 -24.00 20.18
N GLU A 134 33.20 -23.04 19.27
CA GLU A 134 31.96 -22.23 19.26
C GLU A 134 31.48 -22.00 17.81
N TYR A 135 30.16 -21.91 17.63
CA TYR A 135 29.52 -21.61 16.32
C TYR A 135 29.36 -20.09 16.20
N LEU A 136 30.02 -19.48 15.22
CA LEU A 136 30.10 -18.00 15.11
C LEU A 136 29.07 -17.47 14.12
N ALA A 137 28.62 -18.24 13.15
CA ALA A 137 27.78 -17.69 12.06
C ALA A 137 26.91 -18.74 11.38
N TYR A 138 25.76 -18.29 10.89
CA TYR A 138 24.91 -18.98 9.91
C TYR A 138 24.93 -18.15 8.62
N LYS A 139 24.92 -18.81 7.48
CA LYS A 139 24.87 -18.14 6.16
C LYS A 139 23.70 -18.75 5.36
N ARG A 140 22.85 -17.91 4.80
CA ARG A 140 21.82 -18.35 3.81
C ARG A 140 22.13 -17.67 2.48
N GLU A 141 22.24 -18.45 1.42
CA GLU A 141 22.60 -17.93 0.07
C GLU A 141 21.40 -18.12 -0.87
N THR A 142 20.97 -17.05 -1.50
CA THR A 142 19.95 -17.09 -2.58
C THR A 142 20.61 -16.59 -3.86
N GLU A 143 19.84 -16.52 -4.94
CA GLU A 143 20.32 -16.09 -6.29
C GLU A 143 20.97 -14.70 -6.19
N GLN A 144 20.25 -13.74 -5.62
CA GLN A 144 20.66 -12.31 -5.64
C GLN A 144 21.22 -11.89 -4.28
N GLU A 145 21.01 -12.66 -3.21
CA GLU A 145 21.34 -12.13 -1.85
C GLU A 145 21.97 -13.21 -0.97
N THR A 146 22.86 -12.79 -0.06
CA THR A 146 23.50 -13.65 0.96
C THR A 146 23.34 -12.99 2.33
N ILE A 147 22.84 -13.74 3.31
CA ILE A 147 22.62 -13.24 4.70
C ILE A 147 23.56 -13.99 5.65
N PHE A 148 24.24 -13.26 6.52
CA PHE A 148 25.06 -13.83 7.62
C PHE A 148 24.43 -13.42 8.95
N ASP A 149 24.11 -14.39 9.79
CA ASP A 149 23.70 -14.12 11.18
C ASP A 149 24.88 -14.47 12.09
N LEU A 150 25.37 -13.50 12.86
CA LEU A 150 26.59 -13.69 13.67
C LEU A 150 26.20 -13.99 15.11
N PHE A 151 26.87 -14.96 15.74
CA PHE A 151 26.52 -15.49 17.08
C PHE A 151 27.73 -15.44 18.01
N LYS A 152 27.47 -15.07 19.27
CA LYS A 152 28.43 -15.19 20.39
C LYS A 152 27.67 -15.77 21.58
N ASN A 153 28.20 -16.81 22.22
CA ASN A 153 27.56 -17.48 23.38
C ASN A 153 26.17 -17.99 22.98
N ASN A 154 26.04 -18.45 21.73
CA ASN A 154 24.78 -19.01 21.14
C ASN A 154 23.72 -17.91 21.07
N LEU A 155 24.11 -16.63 21.02
CA LEU A 155 23.16 -15.50 20.90
C LEU A 155 23.54 -14.67 19.66
N ARG A 156 22.57 -14.42 18.77
CA ARG A 156 22.76 -13.56 17.58
C ARG A 156 22.97 -12.11 18.04
N TYR A 157 24.02 -11.46 17.54
CA TYR A 157 24.33 -10.03 17.84
C TYR A 157 24.30 -9.18 16.56
N LYS A 158 24.42 -9.78 15.38
CA LYS A 158 24.41 -8.99 14.12
C LYS A 158 23.95 -9.83 12.92
N ARG A 159 23.27 -9.19 11.96
CA ARG A 159 22.96 -9.75 10.64
C ARG A 159 23.62 -8.87 9.58
N ILE A 160 24.23 -9.49 8.57
CA ILE A 160 24.83 -8.75 7.42
C ILE A 160 24.07 -9.16 6.16
N TYR A 161 23.61 -8.18 5.39
CA TYR A 161 22.89 -8.41 4.12
C TYR A 161 23.84 -8.10 2.97
N PHE A 162 24.11 -9.08 2.13
CA PHE A 162 24.74 -8.91 0.80
C PHE A 162 23.65 -8.94 -0.26
N TYR A 163 23.62 -7.93 -1.13
CA TYR A 163 22.71 -7.89 -2.29
C TYR A 163 23.51 -7.48 -3.53
N LYS A 164 23.37 -8.23 -4.61
CA LYS A 164 24.07 -8.00 -5.90
C LYS A 164 25.58 -7.87 -5.62
N GLY A 165 26.12 -8.73 -4.74
CA GLY A 165 27.57 -8.87 -4.46
C GLY A 165 28.12 -7.84 -3.48
N LYS A 166 27.29 -7.00 -2.87
CA LYS A 166 27.80 -5.95 -1.94
C LYS A 166 26.95 -5.86 -0.67
N ILE A 167 27.58 -5.52 0.45
CA ILE A 167 26.85 -5.24 1.74
C ILE A 167 25.99 -4.01 1.52
N VAL A 168 24.70 -4.11 1.83
CA VAL A 168 23.75 -2.97 1.69
C VAL A 168 23.26 -2.57 3.09
N LYS A 169 23.26 -3.48 4.05
CA LYS A 169 22.70 -3.20 5.38
C LYS A 169 23.25 -4.17 6.41
N THR A 170 23.39 -3.69 7.64
CA THR A 170 23.68 -4.55 8.81
C THR A 170 22.62 -4.22 9.86
N GLU A 171 22.26 -5.22 10.67
CA GLU A 171 21.29 -5.08 11.77
C GLU A 171 21.98 -5.57 13.04
N VAL A 172 21.77 -4.87 14.16
CA VAL A 172 22.37 -5.23 15.47
C VAL A 172 21.24 -5.68 16.39
N PHE A 173 21.44 -6.77 17.11
CA PHE A 173 20.40 -7.39 17.97
C PHE A 173 20.92 -7.43 19.41
N ASN A 174 20.03 -7.23 20.39
CA ASN A 174 20.37 -7.35 21.83
C ASN A 174 20.28 -8.82 22.23
N SER A 175 20.44 -9.13 23.52
CA SER A 175 20.45 -10.52 24.06
C SER A 175 19.06 -11.16 23.97
N ASP A 176 17.99 -10.39 23.75
CA ASP A 176 16.62 -10.92 23.57
C ASP A 176 16.35 -11.19 22.08
N ASN A 177 17.35 -11.01 21.22
CA ASN A 177 17.25 -11.13 19.74
C ASN A 177 16.24 -10.10 19.22
N ASN A 178 16.18 -8.93 19.87
CA ASN A 178 15.40 -7.77 19.38
C ASN A 178 16.35 -6.81 18.64
N LEU A 179 15.87 -6.24 17.54
CA LEU A 179 16.61 -5.23 16.73
C LEU A 179 16.84 -3.98 17.58
N ILE A 180 18.08 -3.54 17.72
CA ILE A 180 18.42 -2.31 18.49
C ILE A 180 19.12 -1.28 17.59
N ALA A 181 19.63 -1.65 16.42
CA ALA A 181 20.29 -0.70 15.51
C ALA A 181 20.30 -1.19 14.06
N GLU A 182 20.25 -0.24 13.12
CA GLU A 182 20.33 -0.50 11.66
C GLU A 182 21.41 0.39 11.06
N GLN A 183 22.22 -0.18 10.15
CA GLN A 183 23.31 0.55 9.45
C GLN A 183 23.11 0.35 7.94
N PHE A 184 23.26 1.41 7.15
CA PHE A 184 23.02 1.37 5.69
C PHE A 184 24.30 1.76 4.96
N TYR A 185 24.63 1.04 3.88
CA TYR A 185 25.93 1.18 3.20
C TYR A 185 25.74 1.64 1.75
N ASP A 186 26.66 2.47 1.29
CA ASP A 186 26.61 3.06 -0.06
C ASP A 186 27.20 2.07 -1.06
N ASP A 187 27.22 2.43 -2.34
CA ASP A 187 27.71 1.58 -3.45
C ASP A 187 29.24 1.52 -3.45
N ASN A 188 29.91 2.27 -2.58
CA ASN A 188 31.38 2.21 -2.42
C ASN A 188 31.74 1.44 -1.15
N GLY A 189 30.76 0.90 -0.42
CA GLY A 189 30.97 0.07 0.78
C GLY A 189 31.09 0.89 2.06
N TYR A 190 30.69 2.16 2.04
CA TYR A 190 30.83 3.09 3.19
C TYR A 190 29.49 3.23 3.92
N LEU A 191 29.53 3.23 5.25
CA LEU A 191 28.37 3.56 6.10
C LEU A 191 28.01 5.02 5.87
N TYR A 192 26.76 5.32 5.50
CA TYR A 192 26.30 6.71 5.27
C TYR A 192 25.15 7.05 6.22
N LEU A 193 24.49 6.05 6.80
CA LEU A 193 23.31 6.27 7.68
C LEU A 193 23.23 5.14 8.71
N TYR A 194 23.00 5.49 9.96
CA TYR A 194 22.76 4.48 11.02
C TYR A 194 21.71 5.03 11.99
N ARG A 195 20.92 4.14 12.60
CA ARG A 195 19.86 4.56 13.54
C ARG A 195 19.70 3.54 14.66
N GLN A 196 19.34 4.03 15.84
CA GLN A 196 18.94 3.21 17.00
C GLN A 196 17.49 2.77 16.83
N ILE A 197 17.20 1.56 17.27
CA ILE A 197 15.84 0.96 17.27
C ILE A 197 15.47 0.62 18.71
N ASN A 198 14.27 1.02 19.15
CA ASN A 198 13.72 0.66 20.48
C ASN A 198 13.36 -0.82 20.44
N PRO A 199 14.03 -1.69 21.21
CA PRO A 199 13.94 -3.14 21.01
C PRO A 199 12.52 -3.75 21.16
N GLU A 200 11.76 -3.33 22.17
CA GLU A 200 10.41 -3.93 22.41
C GLU A 200 9.39 -3.23 21.52
N LYS A 201 9.36 -1.90 21.54
CA LYS A 201 8.38 -1.09 20.75
C LYS A 201 8.65 -1.25 19.26
N LYS A 202 9.89 -1.55 18.88
CA LYS A 202 10.33 -1.67 17.46
C LYS A 202 10.19 -0.31 16.75
N SER A 203 10.23 0.80 17.49
CA SER A 203 10.16 2.17 16.93
C SER A 203 11.57 2.68 16.59
N ILE A 204 11.69 3.57 15.60
CA ILE A 204 13.00 4.15 15.18
C ILE A 204 13.36 5.30 16.11
N GLY A 205 14.57 5.24 16.70
CA GLY A 205 15.08 6.28 17.61
C GLY A 205 16.02 7.24 16.90
N LYS A 206 17.15 7.54 17.53
CA LYS A 206 18.12 8.53 17.01
C LYS A 206 18.69 8.04 15.68
N THR A 207 18.73 8.93 14.69
CA THR A 207 19.20 8.62 13.31
C THR A 207 20.39 9.51 13.01
N TYR A 208 21.45 8.95 12.43
CA TYR A 208 22.73 9.67 12.20
C TYR A 208 23.08 9.60 10.71
N LEU A 209 23.20 10.77 10.07
CA LEU A 209 23.63 10.89 8.66
C LEU A 209 25.14 11.17 8.65
N VAL A 210 25.93 10.22 8.16
CA VAL A 210 27.40 10.20 8.33
C VAL A 210 28.03 11.40 7.58
N CYS A 211 27.57 11.68 6.35
CA CYS A 211 28.12 12.77 5.49
C CYS A 211 28.02 14.11 6.24
N LYS A 212 26.81 14.51 6.62
CA LYS A 212 26.57 15.84 7.21
C LYS A 212 27.02 15.85 8.68
N GLU A 213 27.42 14.68 9.23
CA GLU A 213 27.68 14.51 10.68
C GLU A 213 26.50 15.12 11.45
N LYS A 214 25.29 14.74 11.08
CA LYS A 214 24.04 15.35 11.62
C LYS A 214 23.24 14.27 12.35
N GLN A 215 22.67 14.62 13.50
CA GLN A 215 21.89 13.67 14.33
C GLN A 215 20.44 14.13 14.37
N PHE A 216 19.50 13.19 14.27
CA PHE A 216 18.04 13.45 14.33
C PHE A 216 17.45 12.65 15.50
N LYS A 217 16.46 13.23 16.16
CA LYS A 217 15.80 12.64 17.36
C LYS A 217 15.10 11.34 16.98
N ASN A 218 14.52 11.28 15.78
CA ASN A 218 13.66 10.15 15.36
C ASN A 218 13.51 10.16 13.83
N ASN A 219 12.75 9.21 13.29
CA ASN A 219 12.51 9.06 11.83
C ASN A 219 11.73 10.28 11.30
N VAL A 220 10.81 10.84 12.08
CA VAL A 220 9.97 11.98 11.62
C VAL A 220 10.90 13.15 11.31
N GLU A 221 11.81 13.47 12.23
CA GLU A 221 12.76 14.61 12.06
C GLU A 221 13.65 14.34 10.85
N PHE A 222 14.18 13.12 10.71
CA PHE A 222 15.07 12.74 9.59
C PHE A 222 14.30 12.93 8.28
N CYS A 223 13.09 12.36 8.18
CA CYS A 223 12.30 12.41 6.93
C CYS A 223 11.89 13.86 6.63
N SER A 224 11.57 14.67 7.65
CA SER A 224 11.23 16.11 7.47
C SER A 224 12.46 16.86 6.91
N TYR A 225 13.66 16.53 7.38
CA TYR A 225 14.93 17.13 6.88
C TYR A 225 15.11 16.73 5.42
N PHE A 226 14.83 15.47 5.08
CA PHE A 226 14.94 14.95 3.70
C PHE A 226 14.02 15.79 2.79
N LEU A 227 12.78 16.05 3.23
CA LEU A 227 11.80 16.84 2.45
C LEU A 227 12.30 18.29 2.29
N ASP A 228 12.92 18.85 3.32
CA ASP A 228 13.55 20.20 3.26
C ASP A 228 14.64 20.22 2.19
N LYS A 229 15.45 19.16 2.10
CA LYS A 229 16.56 19.08 1.12
C LYS A 229 16.00 18.79 -0.28
N LEU A 230 15.01 17.91 -0.39
CA LEU A 230 14.51 17.43 -1.71
C LEU A 230 13.70 18.54 -2.39
N ILE A 231 12.77 19.19 -1.68
CA ILE A 231 11.76 20.08 -2.33
C ILE A 231 12.14 21.54 -2.06
N PRO A 232 12.46 22.32 -3.13
CA PRO A 232 12.65 23.76 -2.99
C PRO A 232 11.41 24.44 -2.40
N ASP A 233 11.61 25.44 -1.52
CA ASP A 233 10.49 26.09 -0.78
C ASP A 233 9.86 27.18 -1.66
N ILE A 234 9.13 26.77 -2.70
CA ILE A 234 8.40 27.71 -3.62
C ILE A 234 6.94 27.29 -3.67
N ASN A 235 6.04 28.23 -3.96
CA ASN A 235 4.57 28.01 -3.95
C ASN A 235 4.17 27.13 -5.14
N ASP A 236 5.01 27.01 -6.16
CA ASP A 236 4.77 26.18 -7.36
C ASP A 236 5.13 24.72 -7.07
N ASN A 237 5.64 24.43 -5.87
CA ASN A 237 5.88 23.03 -5.42
C ASN A 237 4.76 22.66 -4.46
N ILE A 238 4.16 21.50 -4.66
CA ILE A 238 2.98 21.04 -3.85
C ILE A 238 3.29 19.68 -3.23
N ILE A 239 3.05 19.55 -1.94
CA ILE A 239 3.12 18.24 -1.23
C ILE A 239 1.68 17.74 -1.06
N ILE A 240 1.39 16.54 -1.56
CA ILE A 240 0.08 15.87 -1.33
C ILE A 240 0.35 14.65 -0.46
N CYS A 241 -0.06 14.69 0.79
CA CYS A 241 0.12 13.56 1.73
C CYS A 241 -1.04 12.58 1.59
N ASP A 242 -0.75 11.39 1.09
CA ASP A 242 -1.76 10.31 0.90
C ASP A 242 -1.72 9.34 2.08
N GLY A 243 -0.53 8.94 2.52
CA GLY A 243 -0.37 8.03 3.67
C GLY A 243 -0.61 8.77 4.98
N PRO A 244 -1.69 8.46 5.74
CA PRO A 244 -1.99 9.19 6.97
C PRO A 244 -0.86 9.12 8.01
N GLY A 245 -0.12 8.00 8.06
CA GLY A 245 1.03 7.80 8.95
C GLY A 245 2.17 8.75 8.65
N SER A 246 2.26 9.24 7.42
CA SER A 246 3.36 10.13 6.95
C SER A 246 3.04 11.61 7.21
N PHE A 247 1.83 11.96 7.67
CA PHE A 247 1.40 13.38 7.77
C PHE A 247 2.29 14.17 8.73
N PRO A 248 2.68 13.65 9.91
CA PRO A 248 3.58 14.38 10.80
C PRO A 248 4.89 14.80 10.12
N LYS A 249 5.39 13.98 9.19
CA LYS A 249 6.66 14.25 8.47
C LYS A 249 6.47 15.46 7.54
N ILE A 250 5.31 15.65 6.92
CA ILE A 250 5.13 16.81 5.99
C ILE A 250 4.79 18.05 6.81
N LEU A 251 4.16 17.88 7.97
CA LEU A 251 3.70 19.01 8.81
C LEU A 251 4.93 19.69 9.43
N LYS A 252 5.94 18.90 9.80
CA LYS A 252 7.08 19.36 10.64
C LYS A 252 8.26 19.83 9.75
N THR A 253 8.06 20.02 8.44
CA THR A 253 9.13 20.56 7.56
C THR A 253 9.29 22.05 7.86
N ASN A 254 10.37 22.67 7.39
CA ASN A 254 10.63 24.12 7.58
C ASN A 254 10.12 24.91 6.37
N HIS A 255 9.38 24.26 5.46
CA HIS A 255 8.80 24.93 4.26
C HIS A 255 7.84 26.04 4.71
N LYS A 256 7.91 27.20 4.07
CA LYS A 256 6.98 28.32 4.35
C LYS A 256 6.17 28.67 3.10
N ASN A 257 6.62 28.27 1.91
CA ASN A 257 5.96 28.67 0.63
C ASN A 257 5.32 27.45 -0.05
N VAL A 258 5.83 26.25 0.15
CA VAL A 258 5.29 25.02 -0.52
C VAL A 258 3.83 24.84 -0.10
N LYS A 259 2.96 24.51 -1.04
CA LYS A 259 1.54 24.17 -0.74
C LYS A 259 1.50 22.75 -0.18
N LYS A 260 0.70 22.51 0.86
CA LYS A 260 0.57 21.19 1.49
C LYS A 260 -0.89 20.78 1.51
N PHE A 261 -1.20 19.58 1.02
CA PHE A 261 -2.58 19.03 1.06
C PHE A 261 -2.53 17.64 1.69
N ALA A 262 -3.59 17.25 2.39
CA ALA A 262 -3.78 15.87 2.88
C ALA A 262 -5.02 15.28 2.19
N VAL A 263 -4.88 14.06 1.67
CA VAL A 263 -6.01 13.30 1.07
C VAL A 263 -6.45 12.23 2.06
N ILE A 264 -7.73 12.20 2.40
CA ILE A 264 -8.36 11.15 3.24
C ILE A 264 -8.90 10.08 2.29
N HIS A 265 -8.32 8.88 2.34
CA HIS A 265 -8.66 7.77 1.42
C HIS A 265 -9.71 6.85 2.04
N VAL A 266 -10.05 7.02 3.31
CA VAL A 266 -10.90 6.02 4.03
C VAL A 266 -11.78 6.72 5.08
N ASN A 267 -12.88 6.07 5.45
CA ASN A 267 -13.74 6.47 6.59
C ASN A 267 -12.84 6.76 7.78
N HIS A 268 -12.92 7.96 8.33
CA HIS A 268 -12.07 8.47 9.45
C HIS A 268 -12.53 7.89 10.79
N TYR A 269 -13.76 7.38 10.88
CA TYR A 269 -14.32 6.88 12.16
C TYR A 269 -13.57 5.62 12.58
N LYS A 270 -13.44 5.41 13.89
CA LYS A 270 -12.75 4.22 14.46
C LYS A 270 -13.48 2.98 13.94
N ASN A 271 -12.73 2.00 13.45
CA ASN A 271 -13.30 0.80 12.78
C ASN A 271 -14.18 0.05 13.78
N PHE A 272 -15.40 -0.31 13.35
CA PHE A 272 -16.36 -1.12 14.11
C PHE A 272 -16.63 -0.45 15.47
N ASP A 273 -16.73 0.88 15.46
CA ASP A 273 -16.92 1.70 16.69
C ASP A 273 -18.03 2.71 16.42
N ASP A 274 -19.18 2.56 17.08
CA ASP A 274 -20.40 3.40 16.85
C ASP A 274 -20.38 4.61 17.80
N THR A 275 -19.30 4.83 18.54
CA THR A 275 -19.21 5.90 19.58
C THR A 275 -19.02 7.27 18.92
N GLY A 276 -18.68 7.30 17.62
CA GLY A 276 -18.34 8.54 16.89
C GLY A 276 -16.88 8.91 17.07
N ALA A 277 -16.10 8.05 17.74
CA ALA A 277 -14.63 8.21 17.88
C ALA A 277 -13.97 8.17 16.50
N VAL A 278 -12.89 8.93 16.31
CA VAL A 278 -12.15 9.07 15.02
C VAL A 278 -10.76 8.47 15.18
N LYS A 279 -10.23 7.82 14.14
CA LYS A 279 -8.90 7.16 14.16
C LYS A 279 -7.81 8.21 14.42
N LYS A 280 -6.77 7.83 15.16
CA LYS A 280 -5.74 8.76 15.71
C LYS A 280 -5.05 9.51 14.57
N GLN A 281 -4.65 8.81 13.52
CA GLN A 281 -3.89 9.38 12.37
C GLN A 281 -4.78 10.42 11.67
N GLU A 282 -6.04 10.07 11.38
CA GLU A 282 -6.98 10.96 10.68
C GLU A 282 -7.33 12.14 11.61
N ASP A 283 -7.51 11.90 12.91
CA ASP A 283 -7.82 12.95 13.89
C ASP A 283 -6.66 13.96 13.90
N TYR A 284 -5.42 13.49 13.84
CA TYR A 284 -4.22 14.36 13.86
C TYR A 284 -4.24 15.26 12.61
N ILE A 285 -4.55 14.70 11.44
CA ILE A 285 -4.64 15.48 10.17
C ILE A 285 -5.74 16.54 10.34
N LEU A 286 -6.91 16.12 10.79
CA LEU A 286 -8.11 17.00 10.81
C LEU A 286 -7.94 18.11 11.84
N ARG A 287 -7.35 17.82 13.00
CA ARG A 287 -7.06 18.84 14.04
C ARG A 287 -6.01 19.84 13.52
N ASN A 288 -5.19 19.47 12.53
CA ASN A 288 -4.09 20.35 12.04
C ASN A 288 -4.45 20.90 10.64
N ALA A 289 -5.73 20.84 10.25
CA ALA A 289 -6.18 21.33 8.92
C ALA A 289 -5.78 22.79 8.73
N ASN A 290 -5.78 23.59 9.80
CA ASN A 290 -5.50 25.05 9.76
C ASN A 290 -4.02 25.29 9.41
N LYS A 291 -3.16 24.27 9.54
CA LYS A 291 -1.71 24.41 9.28
C LYS A 291 -1.39 24.04 7.83
N ILE A 292 -2.37 23.63 7.04
CA ILE A 292 -2.16 23.20 5.62
C ILE A 292 -3.15 23.92 4.69
N ASN A 293 -2.91 23.85 3.39
CA ASN A 293 -3.72 24.56 2.37
C ASN A 293 -5.08 23.86 2.24
N GLY A 294 -5.16 22.53 2.37
CA GLY A 294 -6.46 21.85 2.27
C GLY A 294 -6.43 20.39 2.65
N VAL A 295 -7.61 19.88 3.04
CA VAL A 295 -7.87 18.44 3.24
C VAL A 295 -8.82 18.00 2.13
N VAL A 296 -8.41 17.02 1.33
CA VAL A 296 -9.22 16.55 0.18
C VAL A 296 -9.93 15.26 0.60
N MET A 297 -11.25 15.21 0.39
CA MET A 297 -12.08 14.01 0.66
C MET A 297 -12.62 13.48 -0.67
N LEU A 298 -13.00 12.21 -0.71
CA LEU A 298 -13.46 11.54 -1.95
C LEU A 298 -14.97 11.69 -2.13
N THR A 299 -15.73 11.97 -1.06
CA THR A 299 -17.22 12.10 -1.10
C THR A 299 -17.70 13.34 -0.34
N GLU A 300 -18.87 13.84 -0.72
CA GLU A 300 -19.53 14.99 -0.05
C GLU A 300 -19.98 14.54 1.35
N ALA A 301 -20.41 13.29 1.50
CA ALA A 301 -20.91 12.74 2.79
C ALA A 301 -19.78 12.76 3.82
N GLN A 302 -18.57 12.36 3.44
CA GLN A 302 -17.41 12.33 4.38
C GLN A 302 -17.06 13.77 4.74
N LYS A 303 -17.04 14.69 3.77
CA LYS A 303 -16.71 16.11 4.02
C LYS A 303 -17.72 16.67 5.02
N LYS A 304 -19.02 16.38 4.81
CA LYS A 304 -20.12 16.83 5.69
C LYS A 304 -19.82 16.37 7.12
N ASP A 305 -19.56 15.07 7.30
CA ASP A 305 -19.34 14.50 8.66
C ASP A 305 -18.11 15.15 9.29
N ILE A 306 -17.06 15.39 8.52
CA ILE A 306 -15.80 15.99 9.07
C ILE A 306 -16.07 17.46 9.43
N ILE A 307 -16.76 18.22 8.57
CA ILE A 307 -17.04 19.67 8.81
C ILE A 307 -17.89 19.80 10.08
N GLU A 308 -18.85 18.90 10.31
CA GLU A 308 -19.74 18.90 11.50
C GLU A 308 -18.91 18.87 12.78
N LYS A 309 -17.87 18.02 12.85
CA LYS A 309 -17.10 17.77 14.10
C LYS A 309 -15.88 18.71 14.18
N TYR A 310 -15.20 18.98 13.07
CA TYR A 310 -13.89 19.71 13.10
C TYR A 310 -14.06 21.17 12.68
N LYS A 311 -15.21 21.56 12.14
CA LYS A 311 -15.50 22.97 11.72
C LYS A 311 -14.35 23.47 10.84
N ILE A 312 -13.93 22.64 9.88
CA ILE A 312 -12.85 22.94 8.91
C ILE A 312 -13.43 23.76 7.75
N THR A 313 -12.66 24.72 7.24
CA THR A 313 -13.08 25.66 6.16
C THR A 313 -12.29 25.41 4.88
N ASN A 314 -11.22 24.62 4.95
CA ASN A 314 -10.35 24.31 3.78
C ASN A 314 -10.53 22.83 3.39
N ALA A 315 -11.75 22.31 3.47
CA ALA A 315 -12.08 20.93 3.04
C ALA A 315 -12.62 20.96 1.61
N TYR A 316 -12.19 20.01 0.78
CA TYR A 316 -12.55 19.93 -0.65
C TYR A 316 -12.88 18.49 -1.02
N VAL A 317 -13.81 18.30 -1.94
CA VAL A 317 -14.17 16.96 -2.47
C VAL A 317 -13.58 16.85 -3.88
N ILE A 318 -12.67 15.91 -4.07
CA ILE A 318 -12.16 15.52 -5.41
C ILE A 318 -12.12 13.99 -5.42
N SER A 319 -12.89 13.38 -6.31
CA SER A 319 -12.91 11.91 -6.46
C SER A 319 -11.55 11.45 -6.97
N ASN A 320 -11.21 10.20 -6.71
CA ASN A 320 -10.00 9.55 -7.30
C ASN A 320 -10.14 9.58 -8.81
N PHE A 321 -9.04 9.83 -9.53
CA PHE A 321 -8.98 9.58 -10.99
C PHE A 321 -9.21 8.09 -11.22
N ILE A 322 -9.92 7.75 -12.29
CA ILE A 322 -10.30 6.36 -12.63
C ILE A 322 -9.70 6.04 -14.00
N ASN A 323 -9.15 4.84 -14.18
CA ASN A 323 -8.63 4.38 -15.49
C ASN A 323 -9.78 3.71 -16.24
N ILE A 324 -10.27 4.35 -17.31
CA ILE A 324 -11.39 3.81 -18.13
C ILE A 324 -10.84 2.62 -18.91
N THR A 325 -11.25 1.41 -18.52
CA THR A 325 -10.87 0.13 -19.20
C THR A 325 -11.42 0.18 -20.63
N ASP A 326 -10.72 -0.44 -21.58
CA ASP A 326 -11.14 -0.49 -23.01
C ASP A 326 -12.33 -1.43 -23.12
N ASP A 327 -13.32 -1.10 -23.96
CA ASP A 327 -14.49 -1.97 -24.20
C ASP A 327 -13.96 -3.29 -24.76
N TYR A 328 -14.55 -4.41 -24.36
CA TYR A 328 -14.06 -5.77 -24.70
C TYR A 328 -15.24 -6.65 -25.08
N ARG A 329 -14.94 -7.83 -25.65
CA ARG A 329 -15.95 -8.86 -25.98
C ARG A 329 -16.16 -9.73 -24.74
N ASP A 330 -17.40 -9.78 -24.22
CA ASP A 330 -17.74 -10.59 -23.02
C ASP A 330 -18.04 -12.03 -23.47
N LYS A 331 -17.07 -12.93 -23.28
CA LYS A 331 -17.23 -14.38 -23.52
C LYS A 331 -17.77 -15.02 -22.24
N ASN A 332 -18.66 -14.32 -21.52
CA ASN A 332 -19.21 -14.77 -20.21
C ASN A 332 -20.03 -16.05 -20.42
N ASP A 333 -19.68 -17.11 -19.71
CA ASP A 333 -20.47 -18.38 -19.68
C ASP A 333 -20.30 -19.04 -18.31
N ASN A 334 -19.95 -18.27 -17.27
CA ASN A 334 -19.61 -18.83 -15.93
C ASN A 334 -20.29 -18.04 -14.80
N LYS A 335 -20.91 -18.76 -13.86
CA LYS A 335 -21.58 -18.19 -12.67
C LYS A 335 -20.56 -18.03 -11.55
N VAL A 336 -19.59 -17.13 -11.73
CA VAL A 336 -18.55 -16.86 -10.71
C VAL A 336 -18.88 -15.53 -10.03
N VAL A 337 -18.87 -15.50 -8.71
CA VAL A 337 -18.97 -14.23 -7.95
C VAL A 337 -17.55 -13.82 -7.57
N GLY A 338 -17.12 -12.64 -8.01
CA GLY A 338 -15.74 -12.15 -7.81
C GLY A 338 -15.62 -11.20 -6.64
N HIS A 339 -14.49 -11.24 -5.94
CA HIS A 339 -14.13 -10.26 -4.88
C HIS A 339 -12.61 -10.09 -4.84
N ILE A 340 -12.14 -8.86 -5.07
CA ILE A 340 -10.69 -8.52 -5.16
C ILE A 340 -10.40 -7.43 -4.13
N SER A 341 -9.62 -7.74 -3.10
CA SER A 341 -9.34 -6.81 -1.96
C SER A 341 -8.14 -7.27 -1.15
N ARG A 342 -7.61 -6.37 -0.32
CA ARG A 342 -6.71 -6.75 0.79
C ARG A 342 -7.56 -7.60 1.75
N LEU A 343 -7.02 -8.71 2.26
CA LEU A 343 -7.74 -9.59 3.20
C LEU A 343 -7.64 -8.97 4.60
N VAL A 344 -8.43 -7.93 4.83
CA VAL A 344 -8.40 -7.17 6.12
C VAL A 344 -9.82 -7.14 6.69
N PRO A 345 -9.97 -6.94 8.02
CA PRO A 345 -11.30 -6.93 8.64
C PRO A 345 -12.29 -5.94 8.01
N GLN A 346 -11.81 -4.78 7.54
CA GLN A 346 -12.60 -3.75 6.82
C GLN A 346 -13.54 -4.39 5.79
N LYS A 347 -13.07 -5.43 5.08
CA LYS A 347 -13.74 -5.98 3.87
C LYS A 347 -14.90 -6.93 4.24
N GLY A 348 -15.12 -7.20 5.53
CA GLY A 348 -16.30 -7.94 6.00
C GLY A 348 -16.37 -9.34 5.39
N LEU A 349 -15.22 -10.00 5.24
CA LEU A 349 -15.12 -11.32 4.56
C LEU A 349 -15.96 -12.37 5.30
N PRO A 350 -16.06 -12.39 6.65
CA PRO A 350 -17.00 -13.28 7.33
C PRO A 350 -18.44 -13.13 6.82
N TYR A 351 -18.90 -11.90 6.57
CA TYR A 351 -20.24 -11.63 5.98
C TYR A 351 -20.29 -12.24 4.57
N LEU A 352 -19.19 -12.16 3.81
CA LEU A 352 -19.13 -12.74 2.44
C LEU A 352 -19.34 -14.26 2.52
N ILE A 353 -18.67 -14.94 3.45
CA ILE A 353 -18.78 -16.42 3.60
C ILE A 353 -20.23 -16.76 3.97
N ASP A 354 -20.87 -15.93 4.80
CA ASP A 354 -22.29 -16.10 5.20
C ASP A 354 -23.17 -16.02 3.96
N VAL A 355 -22.94 -15.02 3.10
CA VAL A 355 -23.72 -14.84 1.84
C VAL A 355 -23.48 -16.07 0.95
N ALA A 356 -22.23 -16.51 0.84
CA ALA A 356 -21.83 -17.65 -0.02
C ALA A 356 -22.56 -18.91 0.44
N LYS A 357 -22.68 -19.11 1.75
CA LYS A 357 -23.35 -20.31 2.34
C LYS A 357 -24.78 -20.36 1.83
N LYS A 358 -25.48 -19.22 1.83
CA LYS A 358 -26.91 -19.15 1.39
C LYS A 358 -26.98 -19.35 -0.14
N VAL A 359 -26.07 -18.74 -0.90
CA VAL A 359 -26.08 -18.83 -2.39
C VAL A 359 -25.78 -20.28 -2.79
N VAL A 360 -24.82 -20.92 -2.12
CA VAL A 360 -24.37 -22.30 -2.46
C VAL A 360 -25.50 -23.29 -2.13
N GLU A 361 -26.28 -23.02 -1.09
CA GLU A 361 -27.42 -23.88 -0.67
C GLU A 361 -28.45 -23.96 -1.80
N GLN A 362 -28.61 -22.89 -2.60
CA GLN A 362 -29.67 -22.82 -3.64
C GLN A 362 -29.06 -22.98 -5.04
N ASP A 363 -27.73 -23.06 -5.15
CA ASP A 363 -27.03 -23.30 -6.44
C ASP A 363 -25.61 -23.77 -6.16
N ASN A 364 -25.36 -25.09 -6.28
CA ASN A 364 -24.06 -25.73 -5.98
C ASN A 364 -23.06 -25.36 -7.08
N SER A 365 -23.53 -24.88 -8.23
CA SER A 365 -22.69 -24.48 -9.39
C SER A 365 -21.95 -23.17 -9.10
N VAL A 366 -22.35 -22.42 -8.06
CA VAL A 366 -21.81 -21.05 -7.84
C VAL A 366 -20.42 -21.14 -7.20
N GLU A 367 -19.46 -20.45 -7.81
CA GLU A 367 -18.09 -20.29 -7.26
C GLU A 367 -17.92 -18.84 -6.79
N PHE A 368 -17.27 -18.64 -5.64
CA PHE A 368 -16.85 -17.32 -5.15
C PHE A 368 -15.33 -17.24 -5.26
N HIS A 369 -14.82 -16.30 -6.04
CA HIS A 369 -13.35 -16.16 -6.26
C HIS A 369 -12.86 -14.96 -5.47
N LEU A 370 -12.05 -15.22 -4.45
CA LEU A 370 -11.51 -14.16 -3.55
C LEU A 370 -10.03 -13.95 -3.87
N TYR A 371 -9.70 -12.81 -4.46
CA TYR A 371 -8.30 -12.45 -4.81
C TYR A 371 -7.78 -11.45 -3.77
N GLY A 372 -6.55 -11.69 -3.29
CA GLY A 372 -5.85 -10.73 -2.41
C GLY A 372 -5.06 -11.44 -1.33
N THR A 373 -4.22 -10.68 -0.62
CA THR A 373 -3.40 -11.18 0.50
C THR A 373 -3.72 -10.36 1.74
N GLY A 374 -3.51 -10.95 2.93
CA GLY A 374 -3.63 -10.21 4.20
C GLY A 374 -3.79 -11.11 5.41
N GLU A 375 -3.76 -10.48 6.57
CA GLU A 375 -3.86 -11.09 7.92
C GLU A 375 -5.08 -12.03 8.04
N GLU A 376 -6.18 -11.79 7.32
CA GLU A 376 -7.46 -12.51 7.53
C GLU A 376 -7.45 -13.88 6.84
N LYS A 377 -6.42 -14.23 6.07
CA LYS A 377 -6.42 -15.44 5.20
C LYS A 377 -6.80 -16.69 6.04
N SER A 378 -6.13 -16.91 7.17
CA SER A 378 -6.28 -18.15 7.98
C SER A 378 -7.72 -18.24 8.51
N LYS A 379 -8.27 -17.14 9.00
CA LYS A 379 -9.65 -17.05 9.55
C LYS A 379 -10.66 -17.44 8.46
N ILE A 380 -10.52 -16.85 7.27
CA ILE A 380 -11.47 -17.09 6.13
C ILE A 380 -11.32 -18.54 5.68
N GLU A 381 -10.09 -19.07 5.64
CA GLU A 381 -9.81 -20.48 5.24
C GLU A 381 -10.59 -21.41 6.18
N ASN A 382 -10.52 -21.14 7.48
CA ASN A 382 -11.21 -21.94 8.52
C ASN A 382 -12.71 -21.89 8.26
N LEU A 383 -13.25 -20.70 7.95
CA LEU A 383 -14.70 -20.51 7.70
C LEU A 383 -15.13 -21.33 6.48
N ILE A 384 -14.36 -21.24 5.38
CA ILE A 384 -14.64 -21.99 4.12
C ILE A 384 -14.67 -23.50 4.42
N GLN A 385 -13.65 -24.00 5.13
CA GLN A 385 -13.52 -25.45 5.48
C GLN A 385 -14.68 -25.85 6.40
N GLU A 386 -15.00 -25.02 7.40
CA GLU A 386 -16.04 -25.31 8.41
C GLU A 386 -17.41 -25.46 7.74
N SER A 387 -17.71 -24.67 6.71
CA SER A 387 -19.04 -24.67 6.05
C SER A 387 -19.01 -25.51 4.76
N ASN A 388 -17.96 -26.32 4.57
CA ASN A 388 -17.81 -27.24 3.41
C ASN A 388 -17.94 -26.45 2.10
N LEU A 389 -17.30 -25.29 1.99
CA LEU A 389 -17.36 -24.41 0.81
C LEU A 389 -16.03 -24.48 0.04
N THR A 390 -15.21 -25.51 0.29
CA THR A 390 -13.84 -25.64 -0.29
C THR A 390 -13.93 -25.67 -1.82
N ASN A 391 -14.96 -26.31 -2.38
CA ASN A 391 -15.22 -26.37 -3.84
C ASN A 391 -15.68 -24.99 -4.36
N ASN A 392 -16.49 -24.28 -3.58
CA ASN A 392 -17.23 -23.09 -4.07
C ASN A 392 -16.46 -21.81 -3.75
N VAL A 393 -15.81 -21.70 -2.59
CA VAL A 393 -15.10 -20.44 -2.22
C VAL A 393 -13.60 -20.70 -2.23
N LYS A 394 -12.85 -19.89 -2.98
CA LYS A 394 -11.39 -20.10 -3.21
C LYS A 394 -10.63 -18.78 -3.00
N LEU A 395 -9.64 -18.79 -2.11
CA LEU A 395 -8.67 -17.68 -1.96
C LEU A 395 -7.55 -17.91 -2.97
N LEU A 396 -7.40 -17.04 -3.97
CA LEU A 396 -6.48 -17.29 -5.11
C LEU A 396 -5.27 -16.34 -5.08
N GLY A 397 -5.02 -15.69 -3.94
CA GLY A 397 -3.83 -14.83 -3.74
C GLY A 397 -3.92 -13.53 -4.52
N TYR A 398 -2.86 -12.73 -4.49
CA TYR A 398 -2.83 -11.38 -5.11
C TYR A 398 -2.72 -11.54 -6.62
N THR A 399 -3.40 -10.67 -7.37
CA THR A 399 -3.33 -10.64 -8.85
C THR A 399 -2.87 -9.25 -9.28
N THR A 400 -1.83 -9.18 -10.12
CA THR A 400 -1.38 -7.93 -10.77
C THR A 400 -2.25 -7.74 -12.02
N ASN A 401 -3.12 -8.71 -12.31
CA ASN A 401 -3.99 -8.74 -13.51
C ASN A 401 -5.45 -8.88 -13.08
N ALA A 402 -5.97 -7.87 -12.36
CA ALA A 402 -7.34 -7.84 -11.83
C ALA A 402 -8.36 -7.79 -12.98
N ILE A 403 -8.08 -6.96 -14.00
CA ILE A 403 -8.99 -6.68 -15.15
C ILE A 403 -9.37 -8.02 -15.80
N GLU A 404 -8.38 -8.85 -16.15
CA GLU A 404 -8.60 -10.15 -16.85
C GLU A 404 -9.49 -11.03 -15.98
N LYS A 405 -9.26 -11.07 -14.67
CA LYS A 405 -10.01 -11.96 -13.75
C LYS A 405 -11.46 -11.46 -13.68
N ILE A 406 -11.67 -10.14 -13.62
CA ILE A 406 -13.03 -9.54 -13.54
C ILE A 406 -13.80 -9.89 -14.83
N LYS A 407 -13.14 -9.87 -15.99
CA LYS A 407 -13.79 -10.12 -17.31
C LYS A 407 -14.52 -11.47 -17.28
N ASP A 408 -14.10 -12.42 -16.43
CA ASP A 408 -14.70 -13.78 -16.40
C ASP A 408 -15.65 -13.92 -15.21
N PHE A 409 -15.92 -12.84 -14.47
CA PHE A 409 -16.88 -12.82 -13.33
C PHE A 409 -18.29 -12.52 -13.86
N ARG A 410 -19.32 -13.18 -13.33
CA ARG A 410 -20.73 -12.83 -13.62
C ARG A 410 -21.05 -11.51 -12.91
N CYS A 411 -20.70 -11.41 -11.63
CA CYS A 411 -20.96 -10.23 -10.76
C CYS A 411 -19.81 -10.08 -9.77
N VAL A 412 -19.64 -8.88 -9.22
CA VAL A 412 -18.65 -8.58 -8.15
C VAL A 412 -19.42 -8.08 -6.93
N ILE A 413 -18.99 -8.44 -5.72
CA ILE A 413 -19.71 -8.09 -4.47
C ILE A 413 -18.79 -7.31 -3.54
N SER A 414 -19.37 -6.49 -2.67
CA SER A 414 -18.66 -5.86 -1.54
C SER A 414 -19.41 -6.13 -0.24
N THR A 415 -18.76 -6.79 0.70
CA THR A 415 -19.26 -6.97 2.08
C THR A 415 -18.56 -5.95 2.99
N SER A 416 -17.90 -4.94 2.40
CA SER A 416 -17.04 -3.99 3.15
C SER A 416 -17.88 -3.18 4.16
N GLN A 417 -17.33 -3.02 5.36
CA GLN A 417 -17.97 -2.32 6.50
C GLN A 417 -17.63 -0.83 6.47
N PHE A 418 -16.58 -0.43 5.75
CA PHE A 418 -16.26 1.00 5.53
C PHE A 418 -15.36 1.18 4.29
N GLU A 419 -15.46 2.36 3.67
CA GLU A 419 -14.69 2.72 2.46
C GLU A 419 -14.45 4.23 2.44
N GLY A 420 -13.58 4.70 1.55
CA GLY A 420 -13.52 6.10 1.13
C GLY A 420 -14.19 6.26 -0.21
N GLN A 421 -14.05 5.23 -1.05
CA GLN A 421 -14.66 5.08 -2.39
C GLN A 421 -14.39 3.64 -2.84
N GLY A 422 -15.34 2.96 -3.45
CA GLY A 422 -15.13 1.54 -3.84
C GLY A 422 -14.36 1.43 -5.15
N LEU A 423 -13.03 1.41 -5.13
CA LEU A 423 -12.22 1.36 -6.39
C LEU A 423 -12.39 -0.01 -7.07
N SER A 424 -12.42 -1.10 -6.30
CA SER A 424 -12.65 -2.46 -6.83
C SER A 424 -14.07 -2.55 -7.42
N LEU A 425 -15.06 -1.93 -6.78
CA LEU A 425 -16.45 -1.87 -7.29
C LEU A 425 -16.45 -1.09 -8.61
N ILE A 426 -15.76 0.06 -8.64
CA ILE A 426 -15.70 0.94 -9.85
C ILE A 426 -15.03 0.14 -10.98
N GLU A 427 -13.92 -0.53 -10.68
CA GLU A 427 -13.15 -1.34 -11.66
C GLU A 427 -14.08 -2.38 -12.29
N ALA A 428 -14.87 -3.08 -11.47
CA ALA A 428 -15.82 -4.10 -11.96
C ALA A 428 -16.87 -3.42 -12.85
N MET A 429 -17.42 -2.28 -12.42
CA MET A 429 -18.52 -1.60 -13.16
C MET A 429 -18.00 -1.18 -14.54
N LEU A 430 -16.77 -0.68 -14.62
CA LEU A 430 -16.13 -0.24 -15.90
C LEU A 430 -16.00 -1.45 -16.84
N LEU A 431 -15.85 -2.65 -16.31
CA LEU A 431 -15.72 -3.88 -17.12
C LEU A 431 -17.11 -4.50 -17.33
N LYS A 432 -18.16 -3.68 -17.20
CA LYS A 432 -19.57 -4.01 -17.53
C LYS A 432 -20.06 -5.16 -16.65
N LYS A 433 -19.69 -5.16 -15.36
CA LYS A 433 -20.16 -6.19 -14.39
C LYS A 433 -21.14 -5.53 -13.43
N PRO A 434 -22.29 -6.18 -13.15
CA PRO A 434 -23.20 -5.72 -12.11
C PRO A 434 -22.57 -5.89 -10.72
N VAL A 435 -22.86 -4.99 -9.78
CA VAL A 435 -22.27 -5.03 -8.42
C VAL A 435 -23.37 -5.12 -7.36
N VAL A 436 -23.11 -5.87 -6.30
CA VAL A 436 -24.00 -5.92 -5.09
C VAL A 436 -23.13 -5.55 -3.89
N ALA A 437 -23.50 -4.52 -3.14
CA ALA A 437 -22.62 -3.93 -2.11
C ALA A 437 -23.43 -3.48 -0.90
N PHE A 438 -22.92 -3.73 0.30
CA PHE A 438 -23.44 -3.13 1.55
C PHE A 438 -23.31 -1.61 1.45
N ASP A 439 -24.38 -0.90 1.80
CA ASP A 439 -24.44 0.58 1.83
C ASP A 439 -23.71 1.04 3.09
N VAL A 440 -22.43 1.41 2.96
CA VAL A 440 -21.56 1.79 4.12
C VAL A 440 -21.03 3.20 3.88
N LYS A 441 -20.58 3.85 4.96
CA LYS A 441 -20.25 5.30 4.95
C LYS A 441 -19.12 5.58 3.96
N TYR A 442 -19.30 6.68 3.21
CA TYR A 442 -18.31 7.21 2.26
C TYR A 442 -17.91 6.08 1.33
N GLY A 443 -18.90 5.39 0.77
CA GLY A 443 -18.65 4.17 -0.01
C GLY A 443 -19.39 4.19 -1.33
N PRO A 444 -20.21 3.14 -1.55
CA PRO A 444 -20.84 2.89 -2.86
C PRO A 444 -22.14 3.64 -3.19
N SER A 445 -22.79 4.29 -2.21
CA SER A 445 -24.11 4.96 -2.40
C SER A 445 -24.01 6.07 -3.44
N ASP A 446 -22.81 6.58 -3.72
CA ASP A 446 -22.56 7.64 -4.73
C ASP A 446 -22.76 7.10 -6.15
N PHE A 447 -22.27 5.90 -6.47
CA PHE A 447 -22.17 5.40 -7.87
C PHE A 447 -23.00 4.12 -8.09
N VAL A 448 -23.45 3.43 -7.05
CA VAL A 448 -24.31 2.23 -7.23
C VAL A 448 -25.76 2.71 -7.27
N LYS A 449 -26.41 2.55 -8.43
CA LYS A 449 -27.83 2.94 -8.64
C LYS A 449 -28.67 1.68 -8.44
N ASP A 450 -29.31 1.57 -7.27
CA ASP A 450 -30.09 0.37 -6.88
C ASP A 450 -31.11 0.08 -7.98
N GLY A 451 -30.91 -1.03 -8.69
CA GLY A 451 -31.82 -1.53 -9.74
C GLY A 451 -31.40 -1.12 -11.14
N LYS A 452 -30.34 -0.32 -11.31
CA LYS A 452 -29.96 0.19 -12.65
C LYS A 452 -28.55 -0.28 -13.05
N ASN A 453 -27.57 -0.26 -12.13
CA ASN A 453 -26.20 -0.75 -12.41
C ASN A 453 -25.80 -1.82 -11.39
N GLY A 454 -26.73 -2.19 -10.51
CA GLY A 454 -26.47 -3.16 -9.43
C GLY A 454 -27.40 -2.92 -8.27
N TYR A 455 -27.08 -3.46 -7.09
CA TYR A 455 -27.96 -3.41 -5.91
C TYR A 455 -27.20 -2.88 -4.69
N LEU A 456 -27.79 -1.90 -4.02
CA LEU A 456 -27.28 -1.36 -2.74
C LEU A 456 -28.05 -2.08 -1.62
N ILE A 457 -27.34 -2.74 -0.70
CA ILE A 457 -27.98 -3.62 0.32
C ILE A 457 -27.78 -3.00 1.70
N GLU A 458 -28.81 -3.08 2.55
CA GLU A 458 -28.73 -2.68 3.98
C GLU A 458 -27.55 -3.42 4.61
N ASN A 459 -26.67 -2.72 5.32
CA ASN A 459 -25.41 -3.31 5.84
C ASN A 459 -25.75 -4.52 6.72
N LYS A 460 -25.00 -5.61 6.53
CA LYS A 460 -25.03 -6.87 7.32
C LYS A 460 -26.31 -7.68 7.02
N ASP A 461 -27.09 -7.31 5.98
CA ASP A 461 -28.28 -8.10 5.57
C ASP A 461 -27.84 -9.18 4.59
N ILE A 462 -27.51 -10.36 5.13
CA ILE A 462 -26.96 -11.51 4.35
C ILE A 462 -27.99 -11.95 3.31
N LYS A 463 -29.25 -12.11 3.72
CA LYS A 463 -30.33 -12.66 2.86
C LYS A 463 -30.53 -11.77 1.64
N LYS A 464 -30.65 -10.45 1.83
CA LYS A 464 -30.96 -9.51 0.72
C LYS A 464 -29.81 -9.55 -0.28
N MET A 465 -28.56 -9.61 0.19
CA MET A 465 -27.37 -9.69 -0.70
C MET A 465 -27.43 -11.00 -1.48
N ALA A 466 -27.66 -12.12 -0.78
CA ALA A 466 -27.69 -13.47 -1.37
C ALA A 466 -28.74 -13.52 -2.47
N ASN A 467 -29.94 -12.99 -2.21
CA ASN A 467 -31.08 -13.04 -3.15
C ASN A 467 -30.70 -12.31 -4.45
N LYS A 468 -30.13 -11.10 -4.33
CA LYS A 468 -29.77 -10.28 -5.51
C LYS A 468 -28.61 -10.93 -6.26
N ILE A 469 -27.70 -11.59 -5.55
CA ILE A 469 -26.60 -12.37 -6.19
C ILE A 469 -27.23 -13.49 -7.02
N LEU A 470 -28.17 -14.23 -6.43
CA LEU A 470 -28.88 -15.35 -7.12
C LEU A 470 -29.65 -14.79 -8.31
N LYS A 471 -30.32 -13.64 -8.15
CA LYS A 471 -31.13 -13.03 -9.23
C LYS A 471 -30.20 -12.76 -10.43
N LEU A 472 -29.01 -12.24 -10.18
CA LEU A 472 -28.02 -11.89 -11.25
C LEU A 472 -27.41 -13.17 -11.84
N LEU A 473 -27.11 -14.18 -11.03
CA LEU A 473 -26.55 -15.46 -11.52
C LEU A 473 -27.60 -16.21 -12.33
N HIS A 474 -28.89 -15.99 -12.05
CA HIS A 474 -30.02 -16.66 -12.75
C HIS A 474 -30.53 -15.84 -13.93
N ASP A 475 -29.98 -14.65 -14.19
CA ASP A 475 -30.48 -13.75 -15.25
C ASP A 475 -29.31 -13.02 -15.92
N LYS A 476 -28.64 -13.70 -16.87
CA LYS A 476 -27.43 -13.17 -17.56
C LYS A 476 -27.77 -11.87 -18.29
N GLU A 477 -28.97 -11.78 -18.89
CA GLU A 477 -29.41 -10.61 -19.68
C GLU A 477 -29.51 -9.39 -18.76
N LEU A 478 -30.13 -9.55 -17.59
CA LEU A 478 -30.23 -8.46 -16.59
C LEU A 478 -28.81 -8.07 -16.18
N SER A 479 -27.96 -9.07 -15.91
CA SER A 479 -26.57 -8.83 -15.45
C SER A 479 -25.85 -7.95 -16.46
N LYS A 480 -25.92 -8.29 -17.75
CA LYS A 480 -25.25 -7.53 -18.83
C LYS A 480 -25.84 -6.12 -18.89
N SER A 481 -27.16 -5.98 -18.74
CA SER A 481 -27.85 -4.67 -18.84
C SER A 481 -27.39 -3.77 -17.69
N LEU A 482 -27.39 -4.30 -16.46
CA LEU A 482 -26.94 -3.55 -15.27
C LEU A 482 -25.48 -3.14 -15.47
N GLY A 483 -24.65 -4.05 -16.01
CA GLY A 483 -23.20 -3.84 -16.21
C GLY A 483 -22.92 -2.64 -17.10
N LYS A 484 -23.63 -2.53 -18.22
CA LYS A 484 -23.42 -1.44 -19.22
C LYS A 484 -23.78 -0.10 -18.57
N HIS A 485 -24.85 -0.06 -17.77
CA HIS A 485 -25.25 1.17 -17.05
C HIS A 485 -24.13 1.57 -16.07
N GLY A 486 -23.51 0.59 -15.41
CA GLY A 486 -22.40 0.81 -14.47
C GLY A 486 -21.22 1.49 -15.15
N ARG A 487 -20.80 0.97 -16.29
CA ARG A 487 -19.67 1.55 -17.07
C ARG A 487 -20.03 2.99 -17.42
N ASP A 488 -21.23 3.23 -17.95
CA ASP A 488 -21.70 4.57 -18.39
C ASP A 488 -21.74 5.50 -17.17
N THR A 489 -22.23 5.02 -16.02
CA THR A 489 -22.33 5.82 -14.77
C THR A 489 -20.93 6.29 -14.38
N ILE A 490 -19.94 5.39 -14.39
CA ILE A 490 -18.56 5.73 -13.93
C ILE A 490 -17.96 6.74 -14.91
N ILE A 491 -18.12 6.52 -16.22
CA ILE A 491 -17.55 7.42 -17.25
C ILE A 491 -18.13 8.82 -17.05
N ASP A 492 -19.43 8.93 -16.74
CA ASP A 492 -20.13 10.23 -16.56
C ASP A 492 -19.66 10.90 -15.26
N MET A 493 -19.68 10.18 -14.13
CA MET A 493 -19.39 10.76 -12.79
C MET A 493 -17.89 11.14 -12.67
N TYR A 494 -16.95 10.34 -13.17
CA TYR A 494 -15.51 10.51 -12.86
C TYR A 494 -14.72 10.86 -14.13
N GLN A 495 -15.19 11.86 -14.88
CA GLN A 495 -14.48 12.38 -16.08
C GLN A 495 -13.19 13.04 -15.61
N PRO A 496 -12.02 12.61 -16.11
CA PRO A 496 -10.73 13.14 -15.65
C PRO A 496 -10.60 14.68 -15.76
N GLU A 497 -11.23 15.29 -16.76
CA GLU A 497 -11.15 16.75 -17.02
C GLU A 497 -11.70 17.50 -15.80
N LYS A 498 -12.83 17.04 -15.26
CA LYS A 498 -13.49 17.70 -14.09
C LYS A 498 -12.53 17.66 -12.90
N LEU A 499 -11.88 16.52 -12.67
CA LEU A 499 -10.99 16.32 -11.50
C LEU A 499 -9.74 17.19 -11.69
N MET A 500 -9.23 17.31 -12.92
CA MET A 500 -8.01 18.10 -13.18
C MET A 500 -8.28 19.56 -12.85
N VAL A 501 -9.46 20.06 -13.23
CA VAL A 501 -9.86 21.47 -12.97
C VAL A 501 -9.86 21.70 -11.45
N LYS A 502 -10.42 20.76 -10.69
CA LYS A 502 -10.54 20.88 -9.20
C LYS A 502 -9.14 20.96 -8.57
N TRP A 503 -8.21 20.09 -8.99
CA TRP A 503 -6.82 20.06 -8.46
C TRP A 503 -6.11 21.39 -8.81
N LYS A 504 -6.27 21.86 -10.05
CA LYS A 504 -5.59 23.09 -10.54
C LYS A 504 -6.09 24.30 -9.73
N GLN A 505 -7.38 24.34 -9.36
CA GLN A 505 -7.92 25.41 -8.49
C GLN A 505 -7.22 25.38 -7.13
N LEU A 506 -7.01 24.18 -6.57
CA LEU A 506 -6.31 24.00 -5.26
C LEU A 506 -4.87 24.52 -5.38
N PHE A 507 -4.24 24.29 -6.52
CA PHE A 507 -2.80 24.61 -6.72
C PHE A 507 -2.62 26.12 -6.83
N ASN A 508 -3.57 26.84 -7.45
CA ASN A 508 -3.53 28.32 -7.55
C ASN A 508 -3.91 28.92 -6.20
#